data_8HE0
#
_entry.id   8HE0
#
_cell.length_a   78.750
_cell.length_b   90.740
_cell.length_c   97.660
_cell.angle_alpha   90.00
_cell.angle_beta   90.00
_cell.angle_gamma   90.00
#
_symmetry.space_group_name_H-M   'P 21 21 21'
#
loop_
_entity.id
_entity.type
_entity.pdbx_description
1 polymer 'Importin subunit alpha-1'
2 polymer 'Hypoxia-inducible factor 1-alpha'
3 water water
#
loop_
_entity_poly.entity_id
_entity_poly.type
_entity_poly.pdbx_seq_one_letter_code
_entity_poly.pdbx_strand_id
1 'polypeptide(L)'
;MGTVNWSVEDIVKGINSNNLESQLQATQAARKLLSREKQPPIDNIIRAGLIPKFVSFLGKTDCSPIQFESAWALTNIASG
TSEQTKAVVDGGAIPAFISLLASPHAHISEQAVWALGNIAGDGSAFRDLVIKHGAIDPLLALLAVPDLSTLACGYLRNLT
WTLSNLCRNKNPAPPLDAVEQILPTLVRLLHHNDPEVLADSCWAISYLTDGPNERIEMVVKKGVVPQLVKLLGATELPIV
TPALRAIGNIVTGTDEQTQKVIDAGALAVFPSLLTNPKTNIQKEATWTMSNITAGRQDQIQQVVNHGLVPFLVGVLSKAD
FKTQKEAAWAITNYTSGGTVEQIVYLVHCGIIEPLMNLLSAKDTKIIQVILDAISNIFQAAEKLGETEKLSIMIEECGGL
DKIEALQRHENESVYKASLNLIEKYFSV
;
A
2 'polypeptide(L)' GSQRKRKMEHDGSLFQAVGIGTLLQQPDDHAATTSLSWKRVKG B
#
# COMPACT_ATOMS: atom_id res chain seq x y z
N ASN A 5 -38.99 0.59 -4.69
CA ASN A 5 -38.17 1.37 -5.62
C ASN A 5 -38.93 1.68 -6.89
N TRP A 6 -38.67 2.86 -7.46
CA TRP A 6 -39.24 3.22 -8.76
C TRP A 6 -38.57 2.43 -9.87
N SER A 7 -39.21 2.46 -11.04
CA SER A 7 -38.60 2.00 -12.27
C SER A 7 -37.78 3.12 -12.90
N VAL A 8 -36.80 2.73 -13.72
CA VAL A 8 -36.00 3.72 -14.43
C VAL A 8 -36.89 4.58 -15.32
N GLU A 9 -37.89 3.97 -15.95
CA GLU A 9 -38.80 4.74 -16.81
C GLU A 9 -39.49 5.85 -16.03
N ASP A 10 -39.91 5.57 -14.80
CA ASP A 10 -40.61 6.58 -14.02
C ASP A 10 -39.65 7.65 -13.50
N ILE A 11 -38.42 7.25 -13.17
CA ILE A 11 -37.39 8.24 -12.80
C ILE A 11 -37.15 9.19 -13.96
N VAL A 12 -37.00 8.65 -15.17
CA VAL A 12 -36.80 9.48 -16.35
C VAL A 12 -37.97 10.44 -16.54
N LYS A 13 -39.19 9.93 -16.41
CA LYS A 13 -40.38 10.79 -16.56
C LYS A 13 -40.36 11.94 -15.55
N GLY A 14 -39.98 11.65 -14.31
CA GLY A 14 -39.94 12.69 -13.29
C GLY A 14 -38.83 13.70 -13.50
N ILE A 15 -37.66 13.23 -13.94
CA ILE A 15 -36.55 14.15 -14.13
C ILE A 15 -36.76 15.03 -15.35
N ASN A 16 -37.47 14.53 -16.36
CA ASN A 16 -37.76 15.30 -17.56
C ASN A 16 -38.97 16.22 -17.42
N SER A 17 -39.55 16.34 -16.22
CA SER A 17 -40.84 17.01 -16.08
C SER A 17 -40.74 18.53 -16.08
N ASN A 18 -39.55 19.09 -15.90
CA ASN A 18 -39.36 20.55 -15.73
C ASN A 18 -40.08 21.08 -14.49
N ASN A 19 -40.43 20.20 -13.56
CA ASN A 19 -41.02 20.56 -12.27
C ASN A 19 -39.99 20.21 -11.21
N LEU A 20 -39.44 21.24 -10.55
CA LEU A 20 -38.32 21.04 -9.64
C LEU A 20 -38.63 20.02 -8.55
N GLU A 21 -39.85 20.07 -7.99
CA GLU A 21 -40.19 19.14 -6.93
C GLU A 21 -40.39 17.73 -7.49
N SER A 22 -41.00 17.60 -8.68
CA SER A 22 -41.04 16.30 -9.34
C SER A 22 -39.64 15.78 -9.63
N GLN A 23 -38.75 16.66 -10.08
CA GLN A 23 -37.37 16.25 -10.33
C GLN A 23 -36.69 15.80 -9.04
N LEU A 24 -36.92 16.54 -7.94
CA LEU A 24 -36.34 16.16 -6.65
C LEU A 24 -36.82 14.79 -6.22
N GLN A 25 -38.12 14.52 -6.32
CA GLN A 25 -38.64 13.22 -5.90
C GLN A 25 -38.07 12.11 -6.76
N ALA A 26 -37.92 12.35 -8.07
CA ALA A 26 -37.37 11.32 -8.95
C ALA A 26 -35.86 11.12 -8.71
N THR A 27 -35.14 12.20 -8.38
CA THR A 27 -33.73 12.06 -8.08
C THR A 27 -33.52 11.28 -6.79
N GLN A 28 -34.35 11.52 -5.79
CA GLN A 28 -34.31 10.71 -4.58
C GLN A 28 -34.59 9.24 -4.90
N ALA A 29 -35.58 8.99 -5.77
CA ALA A 29 -35.86 7.62 -6.19
C ALA A 29 -34.66 6.99 -6.87
N ALA A 30 -33.96 7.75 -7.71
CA ALA A 30 -32.75 7.25 -8.36
C ALA A 30 -31.68 6.95 -7.32
N ARG A 31 -31.53 7.84 -6.33
CA ARG A 31 -30.55 7.62 -5.26
C ARG A 31 -30.82 6.32 -4.53
N LYS A 32 -32.07 6.05 -4.18
CA LYS A 32 -32.40 4.84 -3.45
C LYS A 32 -32.17 3.59 -4.30
N LEU A 33 -32.48 3.68 -5.59
CA LEU A 33 -32.22 2.58 -6.51
C LEU A 33 -30.72 2.28 -6.60
N LEU A 34 -29.91 3.34 -6.71
CA LEU A 34 -28.47 3.18 -6.81
C LEU A 34 -27.82 2.80 -5.48
N SER A 35 -28.57 2.83 -4.39
CA SER A 35 -28.06 2.50 -3.05
C SER A 35 -28.36 1.06 -2.64
N ARG A 36 -29.09 0.29 -3.46
CA ARG A 36 -29.42 -1.07 -3.10
C ARG A 36 -28.22 -2.00 -3.34
N GLU A 37 -28.12 -3.04 -2.52
CA GLU A 37 -26.88 -3.81 -2.45
C GLU A 37 -26.67 -4.65 -3.70
N LYS A 38 -27.69 -5.37 -4.13
CA LYS A 38 -27.53 -6.37 -5.18
C LYS A 38 -27.79 -5.73 -6.54
N GLN A 39 -26.71 -5.57 -7.31
CA GLN A 39 -26.70 -5.15 -8.71
C GLN A 39 -27.56 -3.91 -8.95
N PRO A 40 -27.15 -2.75 -8.43
CA PRO A 40 -27.84 -1.50 -8.77
C PRO A 40 -27.78 -1.25 -10.26
N PRO A 41 -28.85 -0.74 -10.86
CA PRO A 41 -28.91 -0.59 -12.32
C PRO A 41 -28.16 0.65 -12.81
N ILE A 42 -26.84 0.66 -12.58
CA ILE A 42 -26.03 1.81 -12.98
C ILE A 42 -26.08 2.02 -14.47
N ASP A 43 -25.84 0.95 -15.25
CA ASP A 43 -25.80 1.09 -16.71
C ASP A 43 -27.14 1.53 -17.26
N ASN A 44 -28.24 1.06 -16.66
CA ASN A 44 -29.56 1.50 -17.09
C ASN A 44 -29.73 3.01 -16.88
N ILE A 45 -29.28 3.50 -15.73
CA ILE A 45 -29.38 4.93 -15.42
C ILE A 45 -28.53 5.74 -16.40
N ILE A 46 -27.31 5.28 -16.66
CA ILE A 46 -26.45 5.97 -17.64
C ILE A 46 -27.09 5.96 -19.02
N ARG A 47 -27.56 4.79 -19.46
CA ARG A 47 -28.13 4.69 -20.80
C ARG A 47 -29.37 5.56 -20.95
N ALA A 48 -30.09 5.81 -19.85
CA ALA A 48 -31.25 6.70 -19.87
C ALA A 48 -30.87 8.16 -20.05
N GLY A 49 -29.58 8.50 -20.01
CA GLY A 49 -29.15 9.86 -20.22
C GLY A 49 -29.27 10.77 -19.01
N LEU A 50 -29.32 10.21 -17.80
CA LEU A 50 -29.65 11.01 -16.61
C LEU A 50 -28.45 11.73 -16.00
N ILE A 51 -27.22 11.34 -16.34
CA ILE A 51 -26.06 11.96 -15.69
C ILE A 51 -25.98 13.46 -15.91
N PRO A 52 -26.14 13.99 -17.13
CA PRO A 52 -26.11 15.46 -17.28
C PRO A 52 -27.19 16.16 -16.48
N LYS A 53 -28.37 15.57 -16.35
CA LYS A 53 -29.40 16.17 -15.52
C LYS A 53 -28.97 16.20 -14.06
N PHE A 54 -28.43 15.08 -13.55
CA PHE A 54 -27.91 15.04 -12.18
C PHE A 54 -26.84 16.11 -11.98
N VAL A 55 -25.96 16.28 -12.96
CA VAL A 55 -24.88 17.25 -12.82
C VAL A 55 -25.45 18.66 -12.75
N SER A 56 -26.47 18.96 -13.57
CA SER A 56 -27.09 20.28 -13.50
CA SER A 56 -27.10 20.28 -13.50
C SER A 56 -27.74 20.52 -12.15
N PHE A 57 -28.32 19.47 -11.55
CA PHE A 57 -28.94 19.62 -10.24
C PHE A 57 -27.92 19.97 -9.15
N LEU A 58 -26.64 19.63 -9.35
CA LEU A 58 -25.61 19.99 -8.37
C LEU A 58 -25.51 21.49 -8.20
N GLY A 59 -25.88 22.26 -9.23
CA GLY A 59 -25.81 23.70 -9.16
C GLY A 59 -27.02 24.42 -8.62
N LYS A 60 -28.05 23.70 -8.16
CA LYS A 60 -29.30 24.35 -7.74
C LYS A 60 -29.16 24.76 -6.27
N THR A 61 -28.50 25.90 -6.08
CA THR A 61 -28.22 26.40 -4.73
C THR A 61 -29.49 26.64 -3.93
N ASP A 62 -30.58 27.05 -4.60
CA ASP A 62 -31.84 27.29 -3.91
C ASP A 62 -32.54 26.02 -3.46
N CYS A 63 -32.11 24.85 -3.95
CA CYS A 63 -32.73 23.58 -3.60
C CYS A 63 -31.63 22.63 -3.12
N SER A 64 -31.15 22.84 -1.91
CA SER A 64 -30.12 21.96 -1.37
C SER A 64 -30.54 20.49 -1.32
N PRO A 65 -31.81 20.11 -1.09
CA PRO A 65 -32.13 18.67 -1.14
C PRO A 65 -31.81 18.03 -2.48
N ILE A 66 -32.05 18.71 -3.60
CA ILE A 66 -31.75 18.06 -4.87
C ILE A 66 -30.25 18.08 -5.15
N GLN A 67 -29.52 19.05 -4.59
CA GLN A 67 -28.07 18.99 -4.65
C GLN A 67 -27.55 17.74 -3.96
N PHE A 68 -28.10 17.44 -2.78
CA PHE A 68 -27.64 16.28 -2.01
C PHE A 68 -28.02 14.97 -2.70
N GLU A 69 -29.28 14.85 -3.14
CA GLU A 69 -29.72 13.61 -3.76
C GLU A 69 -28.94 13.31 -5.04
N SER A 70 -28.72 14.33 -5.87
CA SER A 70 -27.97 14.12 -7.11
C SER A 70 -26.50 13.83 -6.83
N ALA A 71 -25.93 14.49 -5.81
CA ALA A 71 -24.54 14.17 -5.43
C ALA A 71 -24.41 12.72 -4.97
N TRP A 72 -25.37 12.24 -4.20
CA TRP A 72 -25.36 10.85 -3.73
C TRP A 72 -25.53 9.89 -4.90
N ALA A 73 -26.48 10.18 -5.80
CA ALA A 73 -26.67 9.31 -6.96
C ALA A 73 -25.39 9.24 -7.79
N LEU A 74 -24.77 10.38 -8.06
CA LEU A 74 -23.56 10.40 -8.86
C LEU A 74 -22.40 9.74 -8.15
N THR A 75 -22.33 9.88 -6.81
CA THR A 75 -21.30 9.19 -6.04
C THR A 75 -21.34 7.70 -6.31
N ASN A 76 -22.53 7.11 -6.34
CA ASN A 76 -22.66 5.67 -6.46
C ASN A 76 -22.47 5.21 -7.90
N ILE A 77 -22.75 6.06 -8.89
CA ILE A 77 -22.36 5.72 -10.25
C ILE A 77 -20.84 5.73 -10.38
N ALA A 78 -20.19 6.76 -9.85
CA ALA A 78 -18.74 6.88 -9.93
C ALA A 78 -18.01 5.85 -9.06
N SER A 79 -18.74 5.14 -8.20
CA SER A 79 -18.14 4.06 -7.41
C SER A 79 -17.93 2.78 -8.21
N GLY A 80 -18.39 2.72 -9.46
CA GLY A 80 -18.35 1.50 -10.23
C GLY A 80 -17.13 1.33 -11.11
N THR A 81 -17.34 0.79 -12.31
CA THR A 81 -16.24 0.55 -13.24
C THR A 81 -15.65 1.86 -13.74
N SER A 82 -14.48 1.75 -14.38
CA SER A 82 -13.89 2.92 -15.02
C SER A 82 -14.82 3.54 -16.04
N GLU A 83 -15.54 2.71 -16.81
CA GLU A 83 -16.44 3.27 -17.80
C GLU A 83 -17.61 4.00 -17.14
N GLN A 84 -18.07 3.49 -16.00
CA GLN A 84 -19.14 4.18 -15.29
C GLN A 84 -18.63 5.48 -14.67
N THR A 85 -17.43 5.46 -14.09
CA THR A 85 -16.83 6.70 -13.59
C THR A 85 -16.62 7.70 -14.72
N LYS A 86 -16.19 7.22 -15.90
CA LYS A 86 -15.98 8.12 -17.02
C LYS A 86 -17.28 8.80 -17.43
N ALA A 87 -18.40 8.08 -17.34
CA ALA A 87 -19.68 8.70 -17.67
C ALA A 87 -19.96 9.90 -16.77
N VAL A 88 -19.61 9.78 -15.48
CA VAL A 88 -19.80 10.89 -14.55
C VAL A 88 -18.87 12.05 -14.89
N VAL A 89 -17.60 11.76 -15.14
CA VAL A 89 -16.67 12.81 -15.54
C VAL A 89 -17.11 13.45 -16.84
N ASP A 90 -17.55 12.63 -17.81
CA ASP A 90 -17.96 13.16 -19.12
C ASP A 90 -19.17 14.08 -19.02
N GLY A 91 -20.00 13.91 -17.98
CA GLY A 91 -21.14 14.76 -17.74
C GLY A 91 -20.81 16.10 -17.13
N GLY A 92 -19.53 16.40 -16.89
CA GLY A 92 -19.14 17.66 -16.29
C GLY A 92 -19.11 17.69 -14.78
N ALA A 93 -19.04 16.52 -14.12
CA ALA A 93 -19.27 16.48 -12.68
C ALA A 93 -18.10 17.08 -11.89
N ILE A 94 -16.87 17.04 -12.42
CA ILE A 94 -15.72 17.42 -11.59
C ILE A 94 -15.81 18.86 -11.11
N PRO A 95 -15.98 19.87 -11.97
CA PRO A 95 -16.06 21.23 -11.46
C PRO A 95 -17.33 21.47 -10.65
N ALA A 96 -18.42 20.78 -10.97
CA ALA A 96 -19.64 20.93 -10.18
C ALA A 96 -19.42 20.44 -8.75
N PHE A 97 -18.72 19.32 -8.57
CA PHE A 97 -18.46 18.82 -7.22
C PHE A 97 -17.49 19.71 -6.47
N ILE A 98 -16.48 20.26 -7.15
CA ILE A 98 -15.54 21.15 -6.49
C ILE A 98 -16.25 22.41 -6.00
N SER A 99 -17.21 22.91 -6.78
CA SER A 99 -18.01 24.04 -6.32
C SER A 99 -18.81 23.70 -5.08
N LEU A 100 -19.26 22.45 -4.95
CA LEU A 100 -20.06 22.04 -3.81
C LEU A 100 -19.24 21.89 -2.53
N LEU A 101 -17.91 21.83 -2.63
CA LEU A 101 -17.09 21.76 -1.42
C LEU A 101 -17.33 22.94 -0.50
N ALA A 102 -17.72 24.08 -1.07
CA ALA A 102 -17.98 25.31 -0.33
C ALA A 102 -19.42 25.41 0.18
N SER A 103 -20.21 24.35 0.08
CA SER A 103 -21.59 24.42 0.52
C SER A 103 -21.66 24.71 2.02
N PRO A 104 -22.59 25.55 2.47
CA PRO A 104 -22.79 25.73 3.92
C PRO A 104 -23.42 24.52 4.59
N HIS A 105 -23.92 23.55 3.84
CA HIS A 105 -24.49 22.34 4.39
C HIS A 105 -23.43 21.27 4.45
N ALA A 106 -23.10 20.82 5.66
CA ALA A 106 -22.00 19.87 5.84
C ALA A 106 -22.26 18.56 5.11
N HIS A 107 -23.51 18.08 5.11
CA HIS A 107 -23.79 16.81 4.46
C HIS A 107 -23.64 16.91 2.94
N ILE A 108 -23.76 18.11 2.38
CA ILE A 108 -23.57 18.28 0.94
C ILE A 108 -22.09 18.38 0.60
N SER A 109 -21.35 19.19 1.35
CA SER A 109 -19.90 19.24 1.14
CA SER A 109 -19.89 19.25 1.15
C SER A 109 -19.28 17.87 1.31
N GLU A 110 -19.73 17.10 2.31
CA GLU A 110 -19.23 15.76 2.53
C GLU A 110 -19.51 14.86 1.34
N GLN A 111 -20.69 14.99 0.74
CA GLN A 111 -21.02 14.15 -0.41
C GLN A 111 -20.16 14.48 -1.61
N ALA A 112 -19.84 15.77 -1.80
CA ALA A 112 -18.94 16.16 -2.87
C ALA A 112 -17.53 15.63 -2.61
N VAL A 113 -17.08 15.65 -1.36
CA VAL A 113 -15.79 15.05 -1.00
C VAL A 113 -15.77 13.58 -1.40
N TRP A 114 -16.82 12.86 -1.02
CA TRP A 114 -16.93 11.43 -1.34
C TRP A 114 -16.89 11.18 -2.84
N ALA A 115 -17.69 11.93 -3.60
CA ALA A 115 -17.74 11.75 -5.04
C ALA A 115 -16.37 11.98 -5.69
N LEU A 116 -15.67 13.02 -5.25
CA LEU A 116 -14.35 13.30 -5.79
C LEU A 116 -13.36 12.19 -5.42
N GLY A 117 -13.52 11.59 -4.25
CA GLY A 117 -12.67 10.47 -3.89
C GLY A 117 -12.85 9.29 -4.83
N ASN A 118 -14.10 9.02 -5.25
CA ASN A 118 -14.35 7.93 -6.19
C ASN A 118 -13.78 8.25 -7.56
N ILE A 119 -13.96 9.48 -8.02
CA ILE A 119 -13.43 9.88 -9.33
C ILE A 119 -11.91 9.79 -9.33
N ALA A 120 -11.26 10.43 -8.34
CA ALA A 120 -9.81 10.42 -8.29
C ALA A 120 -9.25 9.02 -8.07
N GLY A 121 -9.98 8.17 -7.35
CA GLY A 121 -9.51 6.81 -7.10
C GLY A 121 -9.54 5.92 -8.32
N ASP A 122 -10.19 6.34 -9.41
CA ASP A 122 -10.31 5.48 -10.58
C ASP A 122 -8.96 5.19 -11.22
N GLY A 123 -8.07 6.17 -11.24
CA GLY A 123 -6.80 6.00 -11.92
C GLY A 123 -6.05 7.32 -11.94
N SER A 124 -4.82 7.25 -12.46
CA SER A 124 -3.94 8.40 -12.43
CA SER A 124 -3.94 8.41 -12.43
C SER A 124 -4.47 9.56 -13.27
N ALA A 125 -5.11 9.27 -14.41
CA ALA A 125 -5.59 10.35 -15.29
C ALA A 125 -6.72 11.14 -14.63
N PHE A 126 -7.73 10.46 -14.08
CA PHE A 126 -8.80 11.17 -13.39
C PHE A 126 -8.31 11.82 -12.10
N ARG A 127 -7.40 11.16 -11.39
CA ARG A 127 -6.75 11.80 -10.24
C ARG A 127 -6.16 13.14 -10.64
N ASP A 128 -5.36 13.15 -11.70
CA ASP A 128 -4.68 14.38 -12.11
C ASP A 128 -5.66 15.40 -12.68
N LEU A 129 -6.78 14.94 -13.27
CA LEU A 129 -7.79 15.87 -13.78
C LEU A 129 -8.53 16.54 -12.63
N VAL A 130 -8.83 15.79 -11.56
CA VAL A 130 -9.42 16.40 -10.38
C VAL A 130 -8.48 17.46 -9.81
N ILE A 131 -7.18 17.16 -9.78
CA ILE A 131 -6.21 18.14 -9.29
C ILE A 131 -6.20 19.36 -10.20
N LYS A 132 -6.27 19.16 -11.51
CA LYS A 132 -6.21 20.30 -12.43
C LYS A 132 -7.41 21.20 -12.30
N HIS A 133 -8.58 20.64 -12.00
CA HIS A 133 -9.76 21.48 -11.76
C HIS A 133 -9.69 22.22 -10.43
N GLY A 134 -8.62 22.03 -9.64
CA GLY A 134 -8.42 22.81 -8.44
C GLY A 134 -9.04 22.25 -7.17
N ALA A 135 -9.11 20.93 -7.03
CA ALA A 135 -9.80 20.35 -5.88
C ALA A 135 -9.00 20.49 -4.58
N ILE A 136 -7.67 20.60 -4.66
CA ILE A 136 -6.87 20.44 -3.44
C ILE A 136 -7.10 21.60 -2.46
N ASP A 137 -7.05 22.85 -2.95
CA ASP A 137 -7.23 23.99 -2.06
C ASP A 137 -8.53 23.94 -1.27
N PRO A 138 -9.71 23.77 -1.89
CA PRO A 138 -10.95 23.69 -1.08
C PRO A 138 -11.03 22.47 -0.20
N LEU A 139 -10.47 21.32 -0.62
CA LEU A 139 -10.44 20.15 0.26
C LEU A 139 -9.62 20.44 1.52
N LEU A 140 -8.44 20.99 1.34
CA LEU A 140 -7.59 21.31 2.48
C LEU A 140 -8.21 22.39 3.36
N ALA A 141 -8.99 23.30 2.76
CA ALA A 141 -9.63 24.34 3.54
C ALA A 141 -10.63 23.77 4.54
N LEU A 142 -11.25 22.63 4.21
CA LEU A 142 -12.20 22.01 5.13
C LEU A 142 -11.52 21.45 6.38
N LEU A 143 -10.20 21.26 6.33
CA LEU A 143 -9.42 20.76 7.46
C LEU A 143 -8.62 21.85 8.16
N ALA A 144 -8.81 23.11 7.77
CA ALA A 144 -8.06 24.22 8.36
C ALA A 144 -8.72 24.68 9.66
N VAL A 145 -8.69 23.79 10.65
CA VAL A 145 -9.15 24.07 12.00
C VAL A 145 -7.97 23.83 12.95
N PRO A 146 -7.90 24.51 14.09
CA PRO A 146 -6.74 24.28 14.99
C PRO A 146 -6.72 22.90 15.61
N ASP A 147 -7.87 22.25 15.81
CA ASP A 147 -7.94 20.91 16.37
C ASP A 147 -8.92 20.08 15.55
N LEU A 148 -8.40 19.00 14.93
CA LEU A 148 -9.24 18.12 14.12
C LEU A 148 -10.38 17.50 14.92
N SER A 149 -10.24 17.40 16.24
CA SER A 149 -11.26 16.78 17.08
C SER A 149 -12.59 17.54 17.08
N THR A 150 -12.62 18.78 16.59
CA THR A 150 -13.89 19.51 16.53
C THR A 150 -14.73 19.14 15.32
N LEU A 151 -14.18 18.36 14.38
CA LEU A 151 -14.91 17.95 13.19
C LEU A 151 -15.64 16.63 13.47
N ALA A 152 -16.74 16.43 12.74
CA ALA A 152 -17.49 15.19 12.88
C ALA A 152 -16.65 14.02 12.39
N CYS A 153 -16.76 12.89 13.09
CA CYS A 153 -15.97 11.69 12.77
C CYS A 153 -16.13 11.27 11.32
N GLY A 154 -17.38 11.05 10.87
CA GLY A 154 -17.59 10.61 9.51
C GLY A 154 -17.09 11.60 8.48
N TYR A 155 -17.28 12.90 8.76
CA TYR A 155 -16.79 13.94 7.86
C TYR A 155 -15.28 13.85 7.70
N LEU A 156 -14.56 13.72 8.82
CA LEU A 156 -13.11 13.66 8.80
C LEU A 156 -12.62 12.39 8.12
N ARG A 157 -13.30 11.26 8.35
CA ARG A 157 -12.93 10.00 7.70
C ARG A 157 -13.07 10.09 6.20
N ASN A 158 -14.16 10.69 5.72
CA ASN A 158 -14.34 10.82 4.28
C ASN A 158 -13.28 11.73 3.67
N LEU A 159 -12.96 12.85 4.32
CA LEU A 159 -11.91 13.73 3.81
C LEU A 159 -10.56 13.00 3.76
N THR A 160 -10.23 12.26 4.82
CA THR A 160 -8.96 11.54 4.83
C THR A 160 -8.89 10.53 3.68
N TRP A 161 -9.98 9.80 3.45
CA TRP A 161 -9.98 8.79 2.40
C TRP A 161 -9.83 9.44 1.02
N THR A 162 -10.53 10.54 0.78
CA THR A 162 -10.40 11.22 -0.52
C THR A 162 -8.99 11.76 -0.73
N LEU A 163 -8.40 12.36 0.31
CA LEU A 163 -7.01 12.77 0.21
C LEU A 163 -6.09 11.59 -0.10
N SER A 164 -6.36 10.43 0.50
CA SER A 164 -5.52 9.26 0.23
C SER A 164 -5.62 8.84 -1.24
N ASN A 165 -6.81 8.97 -1.84
CA ASN A 165 -6.93 8.62 -3.25
C ASN A 165 -6.23 9.63 -4.16
N LEU A 166 -6.11 10.88 -3.72
CA LEU A 166 -5.31 11.84 -4.48
C LEU A 166 -3.83 11.53 -4.42
N CYS A 167 -3.41 10.74 -3.43
CA CYS A 167 -2.03 10.32 -3.28
C CYS A 167 -1.71 8.99 -3.97
N ARG A 168 -2.72 8.26 -4.45
CA ARG A 168 -2.45 6.90 -4.91
C ARG A 168 -2.30 6.84 -6.43
N ASN A 169 -1.82 5.67 -6.87
CA ASN A 169 -1.62 5.28 -8.27
C ASN A 169 -0.30 5.80 -8.82
N LYS A 170 0.21 5.12 -9.84
CA LYS A 170 1.51 5.40 -10.42
C LYS A 170 1.35 5.48 -11.93
N ASN A 171 2.48 5.66 -12.60
CA ASN A 171 2.56 5.86 -14.05
C ASN A 171 1.48 6.82 -14.54
N PRO A 172 1.53 8.10 -14.15
CA PRO A 172 2.55 8.68 -13.27
C PRO A 172 2.13 8.74 -11.79
N ALA A 173 3.11 8.98 -10.93
CA ALA A 173 2.83 9.35 -9.56
C ALA A 173 2.16 10.73 -9.53
N PRO A 174 1.52 11.09 -8.41
CA PRO A 174 0.86 12.39 -8.35
C PRO A 174 1.84 13.52 -8.54
N PRO A 175 1.38 14.66 -9.04
CA PRO A 175 2.29 15.80 -9.27
C PRO A 175 3.01 16.19 -8.00
N LEU A 176 4.30 16.52 -8.13
CA LEU A 176 5.13 16.81 -6.97
C LEU A 176 4.57 17.98 -6.17
N ASP A 177 4.12 19.04 -6.85
CA ASP A 177 3.57 20.19 -6.16
C ASP A 177 2.29 19.84 -5.42
N ALA A 178 1.51 18.89 -5.95
CA ALA A 178 0.31 18.45 -5.26
C ALA A 178 0.65 17.69 -3.99
N VAL A 179 1.64 16.80 -4.06
CA VAL A 179 2.08 16.07 -2.88
C VAL A 179 2.59 17.04 -1.81
N GLU A 180 3.41 18.01 -2.22
CA GLU A 180 3.91 19.00 -1.28
C GLU A 180 2.77 19.77 -0.62
N GLN A 181 1.71 20.08 -1.37
CA GLN A 181 0.59 20.83 -0.84
C GLN A 181 -0.21 20.01 0.16
N ILE A 182 -0.36 18.71 -0.10
CA ILE A 182 -1.17 17.84 0.76
C ILE A 182 -0.44 17.41 2.03
N LEU A 183 0.89 17.24 1.96
CA LEU A 183 1.60 16.52 3.01
C LEU A 183 1.42 17.10 4.42
N PRO A 184 1.48 18.43 4.65
CA PRO A 184 1.30 18.91 6.04
C PRO A 184 -0.03 18.51 6.65
N THR A 185 -1.12 18.56 5.86
CA THR A 185 -2.40 18.11 6.36
C THR A 185 -2.39 16.60 6.61
N LEU A 186 -1.79 15.84 5.71
CA LEU A 186 -1.68 14.40 5.89
C LEU A 186 -0.93 14.06 7.17
N VAL A 187 0.11 14.84 7.51
CA VAL A 187 0.86 14.57 8.74
C VAL A 187 -0.01 14.80 9.97
N ARG A 188 -0.87 15.83 9.94
CA ARG A 188 -1.83 16.04 11.03
C ARG A 188 -2.76 14.84 11.18
N LEU A 189 -3.28 14.34 10.06
CA LEU A 189 -4.22 13.23 10.11
C LEU A 189 -3.54 11.97 10.65
N LEU A 190 -2.26 11.80 10.33
CA LEU A 190 -1.49 10.67 10.83
C LEU A 190 -1.30 10.70 12.34
N HIS A 191 -1.51 11.85 12.98
CA HIS A 191 -1.45 11.96 14.43
C HIS A 191 -2.82 12.04 15.08
N HIS A 192 -3.89 11.81 14.32
CA HIS A 192 -5.25 11.91 14.86
C HIS A 192 -5.71 10.58 15.44
N ASN A 193 -6.44 10.64 16.55
CA ASN A 193 -6.69 9.45 17.37
C ASN A 193 -7.73 8.48 16.81
N ASP A 194 -8.26 8.69 15.61
CA ASP A 194 -9.33 7.81 15.14
C ASP A 194 -8.77 6.67 14.30
N PRO A 195 -9.17 5.42 14.54
CA PRO A 195 -8.53 4.29 13.83
C PRO A 195 -8.73 4.32 12.32
N GLU A 196 -9.89 4.75 11.83
CA GLU A 196 -10.07 4.80 10.39
C GLU A 196 -9.28 5.94 9.76
N VAL A 197 -9.22 7.09 10.42
CA VAL A 197 -8.37 8.18 9.93
C VAL A 197 -6.91 7.75 9.91
N LEU A 198 -6.47 7.06 10.96
CA LEU A 198 -5.08 6.58 11.01
C LEU A 198 -4.81 5.59 9.89
N ALA A 199 -5.74 4.65 9.66
CA ALA A 199 -5.53 3.65 8.62
C ALA A 199 -5.37 4.29 7.25
N ASP A 200 -6.29 5.20 6.90
CA ASP A 200 -6.25 5.81 5.58
C ASP A 200 -5.09 6.80 5.43
N SER A 201 -4.72 7.49 6.52
CA SER A 201 -3.51 8.31 6.50
C SER A 201 -2.28 7.46 6.22
N CYS A 202 -2.18 6.30 6.87
CA CYS A 202 -1.07 5.39 6.62
C CYS A 202 -1.07 4.88 5.18
N TRP A 203 -2.24 4.56 4.64
CA TRP A 203 -2.31 4.15 3.24
C TRP A 203 -1.76 5.25 2.34
N ALA A 204 -2.20 6.50 2.56
CA ALA A 204 -1.71 7.62 1.76
C ALA A 204 -0.20 7.73 1.84
N ILE A 205 0.35 7.63 3.04
CA ILE A 205 1.81 7.69 3.20
C ILE A 205 2.45 6.51 2.48
N SER A 206 1.82 5.34 2.52
CA SER A 206 2.37 4.17 1.84
C SER A 206 2.39 4.37 0.33
N TYR A 207 1.39 5.05 -0.23
CA TYR A 207 1.42 5.37 -1.65
C TYR A 207 2.56 6.33 -1.98
N LEU A 208 2.73 7.38 -1.18
CA LEU A 208 3.72 8.40 -1.48
C LEU A 208 5.15 7.89 -1.34
N THR A 209 5.36 6.82 -0.58
CA THR A 209 6.70 6.25 -0.42
C THR A 209 6.96 5.10 -1.38
N ASP A 210 5.98 4.77 -2.23
CA ASP A 210 6.10 3.69 -3.21
C ASP A 210 6.59 4.29 -4.52
N GLY A 211 7.90 4.42 -4.66
CA GLY A 211 8.49 4.99 -5.85
C GLY A 211 9.96 5.32 -5.70
N PRO A 212 10.47 6.20 -6.56
CA PRO A 212 11.88 6.59 -6.48
C PRO A 212 12.21 7.27 -5.17
N ASN A 213 13.51 7.24 -4.83
CA ASN A 213 13.94 7.69 -3.50
C ASN A 213 13.69 9.16 -3.26
N GLU A 214 13.57 9.97 -4.31
CA GLU A 214 13.20 11.37 -4.14
C GLU A 214 11.81 11.50 -3.53
N ARG A 215 10.90 10.60 -3.90
CA ARG A 215 9.55 10.61 -3.33
C ARG A 215 9.59 10.19 -1.86
N ILE A 216 10.37 9.17 -1.53
CA ILE A 216 10.55 8.77 -0.13
C ILE A 216 11.09 9.93 0.70
N GLU A 217 12.04 10.68 0.13
CA GLU A 217 12.67 11.77 0.88
C GLU A 217 11.67 12.85 1.25
N MET A 218 10.75 13.18 0.33
CA MET A 218 9.74 14.19 0.64
C MET A 218 8.95 13.82 1.89
N VAL A 219 8.68 12.53 2.06
CA VAL A 219 7.89 12.07 3.20
C VAL A 219 8.76 12.03 4.46
N VAL A 220 9.95 11.45 4.35
CA VAL A 220 10.82 11.31 5.52
C VAL A 220 11.20 12.67 6.08
N LYS A 221 11.34 13.69 5.23
CA LYS A 221 11.67 15.03 5.69
C LYS A 221 10.57 15.63 6.55
N LYS A 222 9.32 15.19 6.37
CA LYS A 222 8.25 15.71 7.22
C LYS A 222 8.29 15.12 8.63
N GLY A 223 9.20 14.20 8.92
CA GLY A 223 9.37 13.68 10.26
C GLY A 223 8.36 12.65 10.70
N VAL A 224 7.75 11.91 9.77
CA VAL A 224 6.67 10.99 10.12
C VAL A 224 7.14 9.62 10.55
N VAL A 225 8.42 9.28 10.38
CA VAL A 225 8.89 7.92 10.66
C VAL A 225 8.60 7.52 12.11
N PRO A 226 8.85 8.34 13.13
CA PRO A 226 8.51 7.92 14.49
C PRO A 226 7.02 7.61 14.68
N GLN A 227 6.12 8.37 14.05
CA GLN A 227 4.71 8.06 14.18
C GLN A 227 4.35 6.79 13.44
N LEU A 228 4.97 6.54 12.28
CA LEU A 228 4.74 5.28 11.57
C LEU A 228 5.17 4.09 12.42
N VAL A 229 6.30 4.22 13.12
CA VAL A 229 6.76 3.14 13.99
C VAL A 229 5.80 2.93 15.15
N LYS A 230 5.26 4.02 15.69
CA LYS A 230 4.24 3.87 16.73
C LYS A 230 3.03 3.12 16.20
N LEU A 231 2.58 3.46 14.99
CA LEU A 231 1.42 2.79 14.41
C LEU A 231 1.74 1.35 14.01
N LEU A 232 3.00 1.07 13.69
CA LEU A 232 3.45 -0.30 13.47
C LEU A 232 3.08 -1.19 14.66
N GLY A 233 3.06 -0.65 15.86
CA GLY A 233 2.74 -1.41 17.05
C GLY A 233 1.29 -1.43 17.45
N ALA A 234 0.40 -0.85 16.65
CA ALA A 234 -1.01 -0.78 17.00
C ALA A 234 -1.62 -2.18 17.06
N THR A 235 -2.71 -2.31 17.82
CA THR A 235 -3.40 -3.58 17.89
C THR A 235 -4.33 -3.81 16.71
N GLU A 236 -4.75 -2.74 16.03
CA GLU A 236 -5.68 -2.85 14.92
C GLU A 236 -4.92 -3.23 13.65
N LEU A 237 -5.20 -4.43 13.16
CA LEU A 237 -4.66 -4.88 11.87
C LEU A 237 -4.87 -3.90 10.73
N PRO A 238 -6.01 -3.21 10.59
CA PRO A 238 -6.13 -2.21 9.51
C PRO A 238 -5.17 -1.04 9.63
N ILE A 239 -4.58 -0.81 10.79
CA ILE A 239 -3.55 0.21 10.92
C ILE A 239 -2.15 -0.37 10.69
N VAL A 240 -1.88 -1.55 11.26
CA VAL A 240 -0.56 -2.15 11.12
C VAL A 240 -0.25 -2.43 9.65
N THR A 241 -1.25 -2.85 8.89
CA THR A 241 -0.99 -3.22 7.49
C THR A 241 -0.43 -2.07 6.67
N PRO A 242 -1.05 -0.87 6.62
CA PRO A 242 -0.43 0.22 5.84
C PRO A 242 0.79 0.83 6.50
N ALA A 243 0.84 0.83 7.84
CA ALA A 243 2.04 1.30 8.53
C ALA A 243 3.25 0.46 8.13
N LEU A 244 3.08 -0.87 8.12
CA LEU A 244 4.17 -1.76 7.70
C LEU A 244 4.52 -1.54 6.23
N ARG A 245 3.52 -1.36 5.37
CA ARG A 245 3.80 -1.09 3.96
C ARG A 245 4.66 0.17 3.81
N ALA A 246 4.30 1.24 4.53
CA ALA A 246 5.04 2.49 4.41
C ALA A 246 6.47 2.34 4.94
N ILE A 247 6.63 1.71 6.11
CA ILE A 247 7.97 1.45 6.63
C ILE A 247 8.77 0.60 5.65
N GLY A 248 8.14 -0.43 5.10
CA GLY A 248 8.82 -1.28 4.13
C GLY A 248 9.23 -0.52 2.87
N ASN A 249 8.35 0.38 2.39
CA ASN A 249 8.72 1.21 1.25
C ASN A 249 9.92 2.10 1.59
N ILE A 250 9.92 2.68 2.79
CA ILE A 250 10.99 3.63 3.14
C ILE A 250 12.35 2.93 3.15
N VAL A 251 12.41 1.67 3.63
CA VAL A 251 13.70 0.98 3.66
C VAL A 251 14.12 0.41 2.31
N THR A 252 13.30 0.58 1.27
CA THR A 252 13.81 0.34 -0.08
C THR A 252 14.65 1.50 -0.60
N GLY A 253 14.74 2.60 0.14
CA GLY A 253 15.45 3.78 -0.31
C GLY A 253 16.94 3.78 0.01
N THR A 254 17.48 4.94 0.32
CA THR A 254 18.90 5.07 0.59
C THR A 254 19.24 4.51 1.97
N ASP A 255 20.54 4.25 2.18
CA ASP A 255 20.99 3.82 3.49
C ASP A 255 20.60 4.82 4.58
N GLU A 256 20.57 6.11 4.25
CA GLU A 256 20.25 7.12 5.25
C GLU A 256 18.76 7.13 5.55
N GLN A 257 17.92 6.93 4.53
CA GLN A 257 16.49 6.78 4.78
C GLN A 257 16.19 5.52 5.59
N THR A 258 16.85 4.42 5.25
CA THR A 258 16.71 3.20 6.05
C THR A 258 17.12 3.44 7.50
N GLN A 259 18.15 4.27 7.73
CA GLN A 259 18.63 4.49 9.09
C GLN A 259 17.60 5.24 9.94
N LYS A 260 16.78 6.11 9.33
CA LYS A 260 15.74 6.78 10.09
C LYS A 260 14.76 5.78 10.68
N VAL A 261 14.45 4.73 9.93
CA VAL A 261 13.56 3.68 10.42
C VAL A 261 14.18 2.96 11.60
N ILE A 262 15.46 2.62 11.49
CA ILE A 262 16.15 1.94 12.58
C ILE A 262 16.25 2.85 13.80
N ASP A 263 16.63 4.12 13.57
CA ASP A 263 16.76 5.08 14.67
C ASP A 263 15.46 5.25 15.44
N ALA A 264 14.31 5.16 14.76
CA ALA A 264 13.02 5.32 15.39
C ALA A 264 12.59 4.11 16.20
N GLY A 265 13.36 3.03 16.20
CA GLY A 265 13.04 1.87 17.01
C GLY A 265 12.19 0.81 16.33
N ALA A 266 12.15 0.79 15.00
CA ALA A 266 11.23 -0.11 14.30
C ALA A 266 11.58 -1.57 14.54
N LEU A 267 12.88 -1.89 14.66
CA LEU A 267 13.29 -3.28 14.77
C LEU A 267 12.72 -3.95 16.02
N ALA A 268 12.38 -3.18 17.05
CA ALA A 268 11.86 -3.75 18.27
C ALA A 268 10.49 -4.37 18.08
N VAL A 269 9.76 -3.99 17.02
CA VAL A 269 8.44 -4.54 16.73
C VAL A 269 8.50 -5.82 15.93
N PHE A 270 9.65 -6.16 15.35
CA PHE A 270 9.66 -7.25 14.38
C PHE A 270 9.62 -8.66 14.95
N PRO A 271 10.00 -8.93 16.22
CA PRO A 271 9.67 -10.27 16.76
C PRO A 271 8.20 -10.60 16.64
N SER A 272 7.33 -9.61 16.91
CA SER A 272 5.89 -9.82 16.75
C SER A 272 5.49 -9.89 15.28
N LEU A 273 6.02 -9.00 14.45
CA LEU A 273 5.61 -8.97 13.05
C LEU A 273 6.02 -10.24 12.32
N LEU A 274 7.24 -10.74 12.58
CA LEU A 274 7.74 -11.93 11.92
C LEU A 274 7.07 -13.22 12.40
N THR A 275 6.26 -13.16 13.46
CA THR A 275 5.46 -14.31 13.90
C THR A 275 3.97 -14.01 13.85
N ASN A 276 3.59 -12.94 13.15
CA ASN A 276 2.20 -12.50 13.13
C ASN A 276 1.31 -13.58 12.51
N PRO A 277 0.12 -13.82 13.08
CA PRO A 277 -0.76 -14.85 12.52
C PRO A 277 -1.30 -14.51 11.13
N LYS A 278 -1.30 -13.24 10.73
CA LYS A 278 -1.72 -12.88 9.38
C LYS A 278 -0.56 -13.08 8.41
N THR A 279 -0.78 -13.93 7.40
CA THR A 279 0.27 -14.29 6.45
C THR A 279 0.87 -13.06 5.78
N ASN A 280 0.02 -12.12 5.37
CA ASN A 280 0.51 -10.95 4.64
C ASN A 280 1.39 -10.07 5.52
N ILE A 281 1.12 -10.03 6.82
CA ILE A 281 1.98 -9.27 7.73
C ILE A 281 3.36 -9.92 7.82
N GLN A 282 3.39 -11.25 8.04
CA GLN A 282 4.67 -11.95 8.06
C GLN A 282 5.43 -11.75 6.76
N LYS A 283 4.73 -11.84 5.62
CA LYS A 283 5.40 -11.69 4.33
C LYS A 283 6.02 -10.31 4.18
N GLU A 284 5.24 -9.26 4.45
CA GLU A 284 5.76 -7.90 4.22
C GLU A 284 6.75 -7.49 5.31
N ALA A 285 6.66 -8.09 6.50
CA ALA A 285 7.71 -7.86 7.49
C ALA A 285 9.02 -8.51 7.08
N THR A 286 8.94 -9.70 6.48
CA THR A 286 10.16 -10.37 6.04
C THR A 286 10.75 -9.66 4.83
N TRP A 287 9.88 -9.14 3.95
CA TRP A 287 10.34 -8.29 2.85
C TRP A 287 11.07 -7.07 3.38
N THR A 288 10.50 -6.40 4.39
CA THR A 288 11.16 -5.26 5.01
C THR A 288 12.52 -5.65 5.58
N MET A 289 12.58 -6.78 6.29
CA MET A 289 13.86 -7.25 6.83
C MET A 289 14.87 -7.47 5.71
N SER A 290 14.42 -8.01 4.56
CA SER A 290 15.34 -8.30 3.47
C SER A 290 15.96 -7.03 2.91
N ASN A 291 15.22 -5.92 2.93
CA ASN A 291 15.79 -4.65 2.48
C ASN A 291 16.63 -3.97 3.54
N ILE A 292 16.42 -4.31 4.82
CA ILE A 292 17.33 -3.81 5.83
C ILE A 292 18.66 -4.57 5.78
N THR A 293 18.60 -5.89 5.57
CA THR A 293 19.86 -6.63 5.46
C THR A 293 20.57 -6.37 4.15
N ALA A 294 19.94 -5.68 3.20
CA ALA A 294 20.64 -5.16 2.03
C ALA A 294 21.39 -3.87 2.32
N GLY A 295 21.41 -3.42 3.58
CA GLY A 295 22.00 -2.15 3.95
C GLY A 295 23.45 -2.28 4.37
N ARG A 296 23.88 -1.33 5.18
CA ARG A 296 25.26 -1.27 5.62
C ARG A 296 25.53 -2.32 6.69
N GLN A 297 26.81 -2.58 6.92
CA GLN A 297 27.18 -3.57 7.93
C GLN A 297 26.73 -3.16 9.33
N ASP A 298 26.71 -1.86 9.62
CA ASP A 298 26.20 -1.41 10.91
C ASP A 298 24.68 -1.58 11.01
N GLN A 299 23.99 -1.63 9.87
CA GLN A 299 22.55 -1.86 9.91
C GLN A 299 22.25 -3.36 10.05
N ILE A 300 23.01 -4.20 9.35
CA ILE A 300 22.97 -5.64 9.62
C ILE A 300 23.26 -5.93 11.09
N GLN A 301 24.19 -5.18 11.69
CA GLN A 301 24.51 -5.40 13.09
C GLN A 301 23.34 -5.05 14.02
N GLN A 302 22.53 -4.06 13.64
CA GLN A 302 21.33 -3.75 14.42
C GLN A 302 20.31 -4.87 14.34
N VAL A 303 20.21 -5.52 13.18
CA VAL A 303 19.36 -6.70 13.06
C VAL A 303 19.84 -7.79 14.01
N VAL A 304 21.15 -8.00 14.05
CA VAL A 304 21.73 -8.95 15.01
C VAL A 304 21.40 -8.55 16.43
N ASN A 305 21.67 -7.29 16.81
CA ASN A 305 21.52 -6.85 18.19
C ASN A 305 20.08 -6.97 18.68
N HIS A 306 19.11 -6.74 17.81
CA HIS A 306 17.70 -6.87 18.18
C HIS A 306 17.23 -8.32 18.24
N GLY A 307 18.14 -9.28 18.05
CA GLY A 307 17.77 -10.68 18.14
C GLY A 307 16.94 -11.18 16.99
N LEU A 308 17.03 -10.56 15.82
CA LEU A 308 16.14 -10.89 14.73
C LEU A 308 16.65 -12.02 13.85
N VAL A 309 17.93 -12.40 13.97
CA VAL A 309 18.43 -13.52 13.16
C VAL A 309 17.71 -14.82 13.49
N PRO A 310 17.49 -15.19 14.76
CA PRO A 310 16.67 -16.37 15.04
C PRO A 310 15.27 -16.28 14.43
N PHE A 311 14.68 -15.08 14.37
CA PHE A 311 13.36 -14.96 13.76
C PHE A 311 13.43 -15.18 12.26
N LEU A 312 14.53 -14.77 11.61
CA LEU A 312 14.70 -15.08 10.20
C LEU A 312 14.91 -16.59 9.99
N VAL A 313 15.68 -17.23 10.87
CA VAL A 313 15.76 -18.69 10.83
C VAL A 313 14.36 -19.30 10.96
N GLY A 314 13.55 -18.74 11.85
CA GLY A 314 12.18 -19.24 12.03
C GLY A 314 11.34 -19.18 10.78
N VAL A 315 11.28 -18.00 10.15
CA VAL A 315 10.43 -17.87 8.95
C VAL A 315 10.98 -18.71 7.80
N LEU A 316 12.31 -18.84 7.70
CA LEU A 316 12.88 -19.72 6.68
C LEU A 316 12.49 -21.17 6.94
N SER A 317 12.42 -21.57 8.21
CA SER A 317 12.09 -22.95 8.55
C SER A 317 10.62 -23.27 8.29
N LYS A 318 9.72 -22.35 8.62
CA LYS A 318 8.29 -22.64 8.53
C LYS A 318 7.54 -21.33 8.34
N ALA A 319 6.90 -21.19 7.19
CA ALA A 319 6.06 -20.04 6.87
C ALA A 319 5.38 -20.34 5.55
N ASP A 320 4.43 -19.49 5.18
CA ASP A 320 3.91 -19.51 3.82
C ASP A 320 5.06 -19.38 2.83
N PHE A 321 4.94 -20.03 1.67
CA PHE A 321 6.08 -20.10 0.77
C PHE A 321 6.53 -18.72 0.32
N LYS A 322 5.58 -17.79 0.09
CA LYS A 322 5.96 -16.45 -0.30
C LYS A 322 6.75 -15.76 0.79
N THR A 323 6.44 -16.03 2.06
CA THR A 323 7.23 -15.50 3.16
C THR A 323 8.63 -16.13 3.18
N GLN A 324 8.69 -17.44 2.96
CA GLN A 324 9.99 -18.11 2.90
C GLN A 324 10.85 -17.55 1.77
N LYS A 325 10.22 -17.16 0.67
CA LYS A 325 10.98 -16.58 -0.43
C LYS A 325 11.58 -15.25 -0.05
N GLU A 326 10.83 -14.42 0.71
CA GLU A 326 11.40 -13.17 1.21
C GLU A 326 12.50 -13.44 2.21
N ALA A 327 12.36 -14.49 3.03
CA ALA A 327 13.41 -14.83 3.98
C ALA A 327 14.69 -15.23 3.27
N ALA A 328 14.56 -16.00 2.18
CA ALA A 328 15.73 -16.34 1.38
C ALA A 328 16.44 -15.09 0.88
N TRP A 329 15.68 -14.10 0.41
CA TRP A 329 16.29 -12.84 -0.02
C TRP A 329 16.98 -12.15 1.14
N ALA A 330 16.37 -12.16 2.32
CA ALA A 330 17.00 -11.53 3.48
C ALA A 330 18.34 -12.17 3.78
N ILE A 331 18.44 -13.49 3.64
CA ILE A 331 19.68 -14.20 3.94
C ILE A 331 20.72 -13.89 2.87
N THR A 332 20.34 -13.93 1.60
CA THR A 332 21.29 -13.63 0.54
C THR A 332 21.82 -12.21 0.65
N ASN A 333 20.93 -11.24 0.95
CA ASN A 333 21.39 -9.87 1.17
C ASN A 333 22.31 -9.77 2.38
N TYR A 334 21.96 -10.46 3.47
CA TYR A 334 22.77 -10.46 4.68
C TYR A 334 24.16 -11.03 4.40
N THR A 335 24.23 -12.16 3.69
CA THR A 335 25.52 -12.79 3.43
C THR A 335 26.30 -12.06 2.35
N SER A 336 25.63 -11.29 1.49
CA SER A 336 26.33 -10.51 0.49
C SER A 336 27.06 -9.33 1.11
N GLY A 337 26.45 -8.66 2.08
CA GLY A 337 27.03 -7.45 2.62
C GLY A 337 27.64 -7.58 4.01
N GLY A 338 27.45 -8.73 4.66
CA GLY A 338 27.86 -8.85 6.04
C GLY A 338 29.34 -9.09 6.24
N THR A 339 29.81 -8.80 7.44
CA THR A 339 31.16 -9.19 7.84
C THR A 339 31.25 -10.71 8.00
N VAL A 340 32.48 -11.21 8.06
CA VAL A 340 32.69 -12.63 8.32
C VAL A 340 32.08 -13.01 9.67
N GLU A 341 32.27 -12.16 10.68
CA GLU A 341 31.74 -12.45 12.01
C GLU A 341 30.21 -12.50 11.98
N GLN A 342 29.58 -11.64 11.19
CA GLN A 342 28.13 -11.65 11.08
C GLN A 342 27.65 -12.92 10.38
N ILE A 343 28.42 -13.40 9.39
CA ILE A 343 28.04 -14.61 8.67
C ILE A 343 28.27 -15.85 9.54
N VAL A 344 29.36 -15.85 10.32
CA VAL A 344 29.59 -16.90 11.29
C VAL A 344 28.40 -17.01 12.24
N TYR A 345 27.94 -15.86 12.73
CA TYR A 345 26.82 -15.83 13.65
C TYR A 345 25.55 -16.40 13.02
N LEU A 346 25.30 -16.09 11.74
CA LEU A 346 24.13 -16.59 11.05
C LEU A 346 24.15 -18.11 10.98
N VAL A 347 25.32 -18.69 10.72
CA VAL A 347 25.42 -20.15 10.68
C VAL A 347 25.20 -20.71 12.08
N HIS A 348 25.73 -20.04 13.10
CA HIS A 348 25.57 -20.51 14.48
C HIS A 348 24.11 -20.52 14.91
N CYS A 349 23.31 -19.61 14.35
CA CYS A 349 21.89 -19.58 14.68
C CYS A 349 21.07 -20.64 13.96
N GLY A 350 21.69 -21.42 13.08
CA GLY A 350 21.03 -22.54 12.46
C GLY A 350 20.48 -22.34 11.06
N ILE A 351 21.11 -21.49 10.24
CA ILE A 351 20.50 -21.12 8.97
C ILE A 351 20.65 -22.24 7.94
N ILE A 352 21.67 -23.11 8.10
CA ILE A 352 22.05 -23.99 6.99
C ILE A 352 20.94 -25.00 6.69
N GLU A 353 20.41 -25.66 7.71
CA GLU A 353 19.42 -26.71 7.46
C GLU A 353 18.15 -26.17 6.81
N PRO A 354 17.50 -25.10 7.31
CA PRO A 354 16.32 -24.59 6.59
C PRO A 354 16.65 -24.04 5.21
N LEU A 355 17.86 -23.51 5.01
CA LEU A 355 18.29 -23.12 3.68
C LEU A 355 18.30 -24.32 2.74
N MET A 356 18.90 -25.43 3.17
CA MET A 356 19.00 -26.60 2.31
C MET A 356 17.63 -27.21 2.03
N ASN A 357 16.75 -27.24 3.04
CA ASN A 357 15.42 -27.81 2.82
C ASN A 357 14.66 -27.08 1.73
N LEU A 358 14.91 -25.78 1.56
CA LEU A 358 14.22 -25.02 0.53
C LEU A 358 14.79 -25.24 -0.87
N LEU A 359 15.89 -25.97 -1.01
CA LEU A 359 16.36 -26.31 -2.34
C LEU A 359 15.45 -27.32 -3.03
N SER A 360 14.48 -27.89 -2.32
CA SER A 360 13.46 -28.74 -2.92
C SER A 360 12.30 -27.95 -3.52
N ALA A 361 12.33 -26.62 -3.41
CA ALA A 361 11.22 -25.81 -3.89
C ALA A 361 11.19 -25.81 -5.41
N LYS A 362 10.00 -26.07 -5.98
CA LYS A 362 9.80 -26.02 -7.42
C LYS A 362 9.57 -24.57 -7.87
N ASP A 363 10.61 -23.77 -7.67
CA ASP A 363 10.58 -22.34 -7.97
C ASP A 363 12.00 -21.94 -8.32
N THR A 364 12.25 -21.61 -9.59
CA THR A 364 13.61 -21.36 -10.04
C THR A 364 14.25 -20.18 -9.33
N LYS A 365 13.46 -19.13 -9.06
CA LYS A 365 14.04 -17.92 -8.50
C LYS A 365 14.60 -18.15 -7.11
N ILE A 366 13.85 -18.85 -6.25
CA ILE A 366 14.33 -19.05 -4.88
C ILE A 366 15.56 -19.95 -4.86
N ILE A 367 15.69 -20.86 -5.83
CA ILE A 367 16.87 -21.71 -5.88
C ILE A 367 18.11 -20.88 -6.18
N GLN A 368 18.00 -19.96 -7.16
CA GLN A 368 19.12 -19.09 -7.48
C GLN A 368 19.51 -18.22 -6.29
N VAL A 369 18.51 -17.71 -5.57
CA VAL A 369 18.78 -16.90 -4.38
C VAL A 369 19.51 -17.71 -3.33
N ILE A 370 19.09 -18.96 -3.12
CA ILE A 370 19.68 -19.79 -2.08
C ILE A 370 21.10 -20.20 -2.46
N LEU A 371 21.31 -20.61 -3.72
CA LEU A 371 22.66 -20.97 -4.16
C LEU A 371 23.60 -19.78 -4.03
N ASP A 372 23.11 -18.57 -4.31
CA ASP A 372 23.90 -17.37 -4.08
C ASP A 372 24.30 -17.25 -2.62
N ALA A 373 23.36 -17.46 -1.70
CA ALA A 373 23.65 -17.36 -0.28
C ALA A 373 24.71 -18.38 0.13
N ILE A 374 24.55 -19.63 -0.30
CA ILE A 374 25.52 -20.67 0.01
C ILE A 374 26.91 -20.27 -0.46
N SER A 375 26.99 -19.76 -1.69
CA SER A 375 28.27 -19.27 -2.21
C SER A 375 28.84 -18.17 -1.32
N ASN A 376 27.99 -17.24 -0.89
CA ASN A 376 28.45 -16.16 -0.02
C ASN A 376 28.97 -16.69 1.31
N ILE A 377 28.31 -17.71 1.84
CA ILE A 377 28.75 -18.28 3.13
C ILE A 377 30.06 -19.02 2.96
N PHE A 378 30.24 -19.70 1.83
CA PHE A 378 31.52 -20.38 1.58
C PHE A 378 32.67 -19.38 1.49
N GLN A 379 32.44 -18.23 0.85
CA GLN A 379 33.48 -17.22 0.76
C GLN A 379 33.89 -16.70 2.14
N ALA A 380 32.94 -16.64 3.08
CA ALA A 380 33.31 -16.30 4.45
C ALA A 380 34.10 -17.44 5.09
N ALA A 381 33.75 -18.69 4.75
CA ALA A 381 34.49 -19.82 5.30
C ALA A 381 35.91 -19.90 4.75
N GLU A 382 36.12 -19.41 3.52
CA GLU A 382 37.46 -19.43 2.94
C GLU A 382 38.39 -18.52 3.72
N LYS A 383 37.89 -17.35 4.15
CA LYS A 383 38.73 -16.43 4.90
C LYS A 383 39.04 -16.94 6.30
N LEU A 384 38.27 -17.89 6.80
CA LEU A 384 38.53 -18.55 8.07
C LEU A 384 39.21 -19.90 7.92
N GLY A 385 39.38 -20.38 6.70
CA GLY A 385 39.96 -21.69 6.47
C GLY A 385 39.09 -22.84 6.96
N GLU A 386 37.77 -22.65 6.96
CA GLU A 386 36.85 -23.63 7.53
C GLU A 386 35.82 -24.10 6.51
N THR A 387 36.16 -24.07 5.23
CA THR A 387 35.22 -24.56 4.21
C THR A 387 34.95 -26.05 4.33
N GLU A 388 35.87 -26.82 4.91
CA GLU A 388 35.61 -28.24 5.12
C GLU A 388 34.51 -28.44 6.16
N LYS A 389 34.59 -27.71 7.28
CA LYS A 389 33.54 -27.80 8.30
C LYS A 389 32.17 -27.47 7.72
N LEU A 390 32.12 -26.46 6.83
CA LEU A 390 30.84 -26.09 6.23
C LEU A 390 30.34 -27.16 5.27
N SER A 391 31.25 -27.80 4.53
CA SER A 391 30.84 -28.84 3.59
C SER A 391 30.24 -30.04 4.33
N ILE A 392 30.81 -30.39 5.49
CA ILE A 392 30.25 -31.48 6.29
C ILE A 392 28.86 -31.10 6.79
N MET A 393 28.70 -29.87 7.27
CA MET A 393 27.38 -29.40 7.71
C MET A 393 26.35 -29.56 6.62
N ILE A 394 26.68 -29.11 5.41
CA ILE A 394 25.74 -29.15 4.29
C ILE A 394 25.41 -30.60 3.94
N GLU A 395 26.39 -31.49 4.01
CA GLU A 395 26.13 -32.89 3.71
C GLU A 395 25.33 -33.57 4.81
N GLU A 396 25.67 -33.30 6.07
CA GLU A 396 25.02 -33.99 7.18
C GLU A 396 23.52 -33.78 7.20
N CYS A 397 23.06 -32.58 6.82
CA CYS A 397 21.65 -32.24 6.85
C CYS A 397 20.94 -32.54 5.54
N GLY A 398 21.61 -33.19 4.58
CA GLY A 398 21.00 -33.54 3.32
C GLY A 398 21.12 -32.51 2.22
N GLY A 399 22.01 -31.53 2.37
CA GLY A 399 22.11 -30.48 1.37
C GLY A 399 22.93 -30.87 0.15
N LEU A 400 23.94 -31.72 0.32
CA LEU A 400 24.75 -32.14 -0.82
C LEU A 400 23.92 -32.92 -1.83
N ASP A 401 22.99 -33.76 -1.35
CA ASP A 401 22.08 -34.46 -2.24
C ASP A 401 21.39 -33.49 -3.19
N LYS A 402 20.85 -32.39 -2.66
CA LYS A 402 20.01 -31.51 -3.46
C LYS A 402 20.85 -30.60 -4.35
N ILE A 403 22.01 -30.15 -3.88
CA ILE A 403 22.91 -29.40 -4.76
C ILE A 403 23.35 -30.29 -5.92
N GLU A 404 23.78 -31.52 -5.60
CA GLU A 404 24.19 -32.46 -6.64
C GLU A 404 23.09 -32.68 -7.66
N ALA A 405 21.88 -32.97 -7.18
CA ALA A 405 20.76 -33.18 -8.09
C ALA A 405 20.47 -31.95 -8.94
N LEU A 406 20.75 -30.76 -8.41
CA LEU A 406 20.53 -29.52 -9.14
C LEU A 406 21.52 -29.33 -10.29
N GLN A 407 22.57 -30.15 -10.38
CA GLN A 407 23.42 -30.10 -11.57
C GLN A 407 22.65 -30.54 -12.81
N ARG A 408 21.71 -31.47 -12.65
CA ARG A 408 20.86 -31.94 -13.74
C ARG A 408 19.58 -31.11 -13.88
N HIS A 409 19.60 -29.86 -13.42
CA HIS A 409 18.43 -29.00 -13.45
C HIS A 409 18.38 -28.21 -14.75
N GLU A 410 17.16 -27.83 -15.13
CA GLU A 410 16.94 -27.20 -16.44
C GLU A 410 17.61 -25.83 -16.53
N ASN A 411 17.21 -24.91 -15.66
CA ASN A 411 17.68 -23.52 -15.74
C ASN A 411 19.20 -23.46 -15.72
N GLU A 412 19.76 -22.53 -16.48
CA GLU A 412 21.20 -22.49 -16.70
C GLU A 412 21.94 -22.00 -15.45
N SER A 413 21.46 -20.89 -14.87
CA SER A 413 22.13 -20.36 -13.68
C SER A 413 22.17 -21.37 -12.55
N VAL A 414 21.13 -22.20 -12.44
CA VAL A 414 21.05 -23.21 -11.39
C VAL A 414 22.21 -24.19 -11.49
N TYR A 415 22.24 -24.98 -12.57
CA TYR A 415 23.24 -26.03 -12.67
C TYR A 415 24.65 -25.47 -12.79
N LYS A 416 24.78 -24.25 -13.32
CA LYS A 416 26.09 -23.59 -13.38
C LYS A 416 26.62 -23.34 -11.97
N ALA A 417 25.87 -22.57 -11.18
CA ALA A 417 26.27 -22.34 -9.79
C ALA A 417 26.30 -23.63 -8.99
N SER A 418 25.43 -24.60 -9.33
CA SER A 418 25.43 -25.87 -8.64
C SER A 418 26.73 -26.64 -8.89
N LEU A 419 27.11 -26.81 -10.15
CA LEU A 419 28.34 -27.51 -10.48
C LEU A 419 29.55 -26.81 -9.89
N ASN A 420 29.56 -25.47 -9.93
CA ASN A 420 30.66 -24.70 -9.35
C ASN A 420 30.85 -25.05 -7.89
N LEU A 421 29.75 -25.10 -7.12
CA LEU A 421 29.86 -25.38 -5.69
C LEU A 421 30.48 -26.75 -5.43
N ILE A 422 30.07 -27.76 -6.21
CA ILE A 422 30.55 -29.11 -5.96
C ILE A 422 32.01 -29.26 -6.36
N GLU A 423 32.40 -28.68 -7.48
CA GLU A 423 33.79 -28.77 -7.91
C GLU A 423 34.73 -28.15 -6.88
N LYS A 424 34.34 -27.02 -6.29
CA LYS A 424 35.26 -26.24 -5.47
C LYS A 424 35.26 -26.65 -4.00
N TYR A 425 34.12 -27.12 -3.48
CA TYR A 425 34.04 -27.44 -2.06
C TYR A 425 33.65 -28.89 -1.77
N PHE A 426 33.09 -29.61 -2.74
CA PHE A 426 32.78 -31.02 -2.55
C PHE A 426 33.55 -31.86 -3.56
N GLN B 3 24.10 -7.20 -2.79
CA GLN B 3 22.99 -6.61 -2.06
C GLN B 3 22.04 -5.87 -2.98
N ARG B 4 20.75 -6.10 -2.82
CA ARG B 4 19.74 -5.57 -3.72
C ARG B 4 18.56 -5.06 -2.91
N LYS B 5 18.33 -3.74 -2.94
CA LYS B 5 17.04 -3.22 -2.51
C LYS B 5 15.96 -3.62 -3.52
N ARG B 6 14.82 -4.08 -3.03
CA ARG B 6 13.74 -4.56 -3.89
C ARG B 6 12.47 -3.79 -3.58
N LYS B 7 12.07 -2.92 -4.52
CA LYS B 7 10.81 -2.20 -4.41
C LYS B 7 9.62 -3.15 -4.55
N MET B 8 8.46 -2.68 -4.11
CA MET B 8 7.22 -3.44 -4.21
C MET B 8 6.78 -3.57 -5.66
N SER B 37 -12.09 -0.45 -1.11
CA SER B 37 -10.94 -0.38 -2.01
C SER B 37 -10.66 1.08 -2.38
N TRP B 38 -10.38 1.36 -3.64
CA TRP B 38 -10.23 2.75 -4.05
C TRP B 38 -11.54 3.40 -4.42
N LYS B 39 -12.65 2.68 -4.31
CA LYS B 39 -13.98 3.25 -4.51
C LYS B 39 -14.90 2.79 -3.39
N ARG B 40 -15.81 3.66 -2.99
CA ARG B 40 -16.75 3.40 -1.91
CA ARG B 40 -16.75 3.40 -1.92
C ARG B 40 -18.16 3.73 -2.38
N VAL B 41 -19.08 2.80 -2.20
CA VAL B 41 -20.50 3.05 -2.44
C VAL B 41 -21.11 3.56 -1.15
N LYS B 42 -21.97 4.55 -1.25
CA LYS B 42 -22.71 5.04 -0.08
C LYS B 42 -24.04 4.31 -0.01
N GLY B 43 -24.17 3.40 0.95
CA GLY B 43 -25.40 2.67 1.14
C GLY B 43 -26.38 3.40 2.04
#